data_3C3P
#
_entry.id   3C3P
#
_cell.length_a   156.880
_cell.length_b   76.044
_cell.length_c   85.173
_cell.angle_alpha   90.000
_cell.angle_beta   118.270
_cell.angle_gamma   90.000
#
_symmetry.space_group_name_H-M   'C 1 2 1'
#
loop_
_entity.id
_entity.type
_entity.pdbx_description
1 polymer Methyltransferase
2 non-polymer 'CHLORIDE ION'
3 non-polymer 1,2-ETHANEDIOL
4 non-polymer DI(HYDROXYETHYL)ETHER
5 water water
#
_entity_poly.entity_id   1
_entity_poly.type   'polypeptide(L)'
_entity_poly.pdbx_seq_one_letter_code
;G(MSE)IPIVDSRIGAYLDGLLPEADPVVAA(MSE)EQIARERNIPIVDRQTGRLLYLLARIKQPQLVVVPGDGLGCASW
WFARAISISSRVV(MSE)IDPDRDNVEHARR(MSE)LHDNGLIDRVELQVGDPLGIAAGQRDIDILF(MSE)DCDVFNGA
DVLER(MSE)NRCLAKNALLIAVNALRRGSVAESHEDPETAALREFNHHLSRRRDFFTTIVPVGNGVLLGYRLS
;
_entity_poly.pdbx_strand_id   A,B,C
#
# COMPACT_ATOMS: atom_id res chain seq x y z
N GLY A 1 0.43 0.36 -23.57
CA GLY A 1 0.47 -0.55 -24.75
C GLY A 1 0.18 -1.95 -24.25
N ILE A 3 -0.02 -3.57 -20.24
CA ILE A 3 -0.80 -3.16 -19.07
C ILE A 3 -0.25 -1.77 -18.89
N PRO A 4 -1.10 -0.72 -18.91
CA PRO A 4 -0.54 0.61 -18.71
C PRO A 4 -0.29 0.93 -17.23
N ILE A 5 0.82 1.59 -16.96
CA ILE A 5 1.15 1.94 -15.59
C ILE A 5 1.18 3.47 -15.48
N VAL A 6 2.29 4.11 -15.82
CA VAL A 6 2.36 5.58 -15.75
C VAL A 6 1.68 6.22 -17.00
N ASP A 7 0.87 7.24 -16.75
CA ASP A 7 0.17 7.99 -17.81
C ASP A 7 1.21 8.41 -18.84
N SER A 8 0.89 8.17 -20.10
CA SER A 8 1.79 8.50 -21.22
CA SER A 8 1.82 8.50 -21.21
C SER A 8 2.31 9.93 -21.17
N ARG A 9 1.46 10.83 -20.74
CA ARG A 9 1.79 12.26 -20.68
C ARG A 9 2.81 12.51 -19.56
N ILE A 10 2.62 11.77 -18.48
CA ILE A 10 3.51 11.87 -17.32
C ILE A 10 4.82 11.20 -17.69
N GLY A 11 4.72 10.10 -18.40
CA GLY A 11 5.90 9.36 -18.85
C GLY A 11 6.78 10.22 -19.72
N ALA A 12 6.15 10.91 -20.66
CA ALA A 12 6.88 11.79 -21.58
C ALA A 12 7.59 12.92 -20.84
N TYR A 13 6.91 13.44 -19.84
CA TYR A 13 7.45 14.54 -19.01
C TYR A 13 8.67 14.10 -18.21
N LEU A 14 8.56 12.94 -17.57
CA LEU A 14 9.65 12.41 -16.76
C LEU A 14 10.86 12.09 -17.66
N ASP A 15 10.57 11.62 -18.84
CA ASP A 15 11.64 11.28 -19.77
C ASP A 15 12.35 12.56 -20.24
N GLY A 16 11.56 13.62 -20.39
CA GLY A 16 12.07 14.94 -20.80
C GLY A 16 13.03 15.54 -19.79
N LEU A 17 12.93 15.07 -18.54
CA LEU A 17 13.81 15.51 -17.45
C LEU A 17 15.11 14.68 -17.46
N LEU A 18 15.12 13.56 -18.18
CA LEU A 18 16.31 12.70 -18.24
C LEU A 18 17.46 13.52 -18.79
N PRO A 19 18.68 13.27 -18.28
CA PRO A 19 19.79 14.03 -18.82
C PRO A 19 20.22 13.40 -20.13
N GLU A 20 21.22 14.00 -20.76
CA GLU A 20 21.77 13.48 -22.02
C GLU A 20 22.16 12.03 -21.74
N ALA A 21 21.76 11.15 -22.64
CA ALA A 21 22.04 9.72 -22.48
C ALA A 21 23.51 9.32 -22.67
N ASP A 22 23.92 8.37 -21.85
CA ASP A 22 25.26 7.79 -21.85
C ASP A 22 25.27 6.89 -23.10
N PRO A 23 26.27 7.05 -24.00
CA PRO A 23 26.25 6.21 -25.20
C PRO A 23 26.42 4.73 -24.86
N VAL A 24 26.96 4.49 -23.68
CA VAL A 24 27.17 3.14 -23.17
C VAL A 24 25.82 2.49 -23.01
N VAL A 25 24.94 3.26 -22.41
CA VAL A 25 23.57 2.84 -22.14
C VAL A 25 22.78 2.74 -23.45
N ALA A 26 23.03 3.70 -24.34
CA ALA A 26 22.33 3.76 -25.63
C ALA A 26 22.77 2.60 -26.54
N ALA A 27 24.04 2.22 -26.40
CA ALA A 27 24.61 1.15 -27.20
C ALA A 27 24.02 -0.17 -26.75
N GLU A 29 20.93 -0.64 -25.28
CA GLU A 29 19.51 -0.74 -25.62
C GLU A 29 19.31 -1.34 -26.99
N GLN A 30 20.02 -0.78 -27.95
N GLN A 30 20.04 -0.82 -27.95
CA GLN A 30 19.98 -1.25 -29.34
CA GLN A 30 19.92 -1.27 -29.34
C GLN A 30 20.45 -2.68 -29.50
C GLN A 30 20.48 -2.68 -29.55
N ILE A 31 21.42 -3.06 -28.69
CA ILE A 31 21.98 -4.41 -28.76
C ILE A 31 20.94 -5.35 -28.17
N ALA A 32 20.18 -4.81 -27.23
CA ALA A 32 19.13 -5.55 -26.55
C ALA A 32 17.98 -5.77 -27.52
N ARG A 33 17.72 -4.72 -28.29
CA ARG A 33 16.64 -4.71 -29.27
C ARG A 33 16.97 -5.60 -30.47
N GLU A 34 18.25 -5.86 -30.69
CA GLU A 34 18.66 -6.68 -31.84
C GLU A 34 18.78 -8.14 -31.45
N ARG A 35 19.06 -8.39 -30.18
CA ARG A 35 19.20 -9.75 -29.69
CA ARG A 35 19.19 -9.76 -29.70
C ARG A 35 17.91 -10.16 -28.99
N ASN A 36 16.95 -9.25 -29.08
CA ASN A 36 15.62 -9.40 -28.49
C ASN A 36 15.71 -9.75 -27.03
N ILE A 37 16.50 -8.94 -26.31
CA ILE A 37 16.74 -9.13 -24.88
C ILE A 37 16.04 -8.10 -24.00
N PRO A 38 15.22 -8.57 -23.05
CA PRO A 38 14.59 -7.57 -22.16
C PRO A 38 15.59 -7.00 -21.17
N ILE A 39 15.60 -5.68 -21.09
CA ILE A 39 16.48 -4.96 -20.15
C ILE A 39 15.75 -3.85 -19.39
N VAL A 40 16.31 -3.54 -18.24
CA VAL A 40 15.84 -2.48 -17.36
C VAL A 40 15.77 -1.12 -18.08
N ASP A 41 14.60 -0.45 -18.13
CA ASP A 41 14.55 0.89 -18.79
C ASP A 41 15.34 1.95 -17.97
N ARG A 42 15.53 3.13 -18.54
CA ARG A 42 16.32 4.19 -17.85
C ARG A 42 15.76 4.69 -16.55
N GLN A 43 14.46 4.89 -16.47
CA GLN A 43 13.86 5.40 -15.23
C GLN A 43 14.08 4.37 -14.12
N THR A 44 14.00 3.10 -14.50
CA THR A 44 14.17 2.01 -13.55
C THR A 44 15.62 1.88 -13.11
N GLY A 45 16.53 1.98 -14.06
CA GLY A 45 17.95 1.88 -13.76
C GLY A 45 18.37 3.01 -12.83
N ARG A 46 17.84 4.21 -13.10
CA ARG A 46 18.17 5.38 -12.26
C ARG A 46 17.70 5.15 -10.82
N LEU A 47 16.57 4.48 -10.67
CA LEU A 47 16.04 4.18 -9.32
C LEU A 47 16.97 3.20 -8.66
N LEU A 48 17.46 2.23 -9.42
CA LEU A 48 18.38 1.22 -8.88
C LEU A 48 19.63 1.90 -8.34
N TYR A 49 20.16 2.77 -9.17
CA TYR A 49 21.35 3.56 -8.80
C TYR A 49 21.14 4.33 -7.50
N LEU A 50 20.03 5.04 -7.42
CA LEU A 50 19.73 5.88 -6.26
C LEU A 50 19.57 5.03 -5.01
N LEU A 51 18.85 3.92 -5.12
CA LEU A 51 18.65 3.07 -3.94
C LEU A 51 19.97 2.50 -3.43
N ALA A 52 20.84 2.17 -4.38
CA ALA A 52 22.14 1.58 -4.06
C ALA A 52 23.02 2.62 -3.40
N ARG A 53 22.96 3.84 -3.90
CA ARG A 53 23.74 4.91 -3.27
C ARG A 53 23.31 5.14 -1.81
N ILE A 54 22.01 5.17 -1.54
CA ILE A 54 21.57 5.42 -0.15
C ILE A 54 21.74 4.19 0.72
N LYS A 55 21.69 3.02 0.12
CA LYS A 55 21.85 1.80 0.90
C LYS A 55 23.33 1.57 1.30
N GLN A 56 24.24 1.96 0.42
CA GLN A 56 25.72 1.76 0.60
CA GLN A 56 25.71 1.76 0.59
C GLN A 56 26.07 0.28 0.82
N PRO A 57 25.66 -0.58 -0.11
CA PRO A 57 25.95 -1.97 0.09
C PRO A 57 27.39 -2.37 -0.15
N GLN A 58 27.78 -3.42 0.56
CA GLN A 58 29.11 -4.00 0.45
CA GLN A 58 29.11 -4.01 0.42
C GLN A 58 29.04 -5.13 -0.58
N LEU A 59 27.84 -5.70 -0.71
CA LEU A 59 27.55 -6.81 -1.65
C LEU A 59 26.16 -6.77 -2.27
N VAL A 60 26.21 -6.76 -3.58
CA VAL A 60 25.05 -6.77 -4.44
C VAL A 60 25.15 -8.02 -5.30
N VAL A 61 24.07 -8.78 -5.29
CA VAL A 61 23.96 -10.02 -6.06
C VAL A 61 22.80 -9.91 -7.09
N VAL A 62 23.17 -10.19 -8.34
CA VAL A 62 22.29 -10.13 -9.49
C VAL A 62 22.21 -11.48 -10.19
N PRO A 63 21.24 -12.33 -9.80
CA PRO A 63 21.10 -13.63 -10.44
C PRO A 63 20.27 -13.53 -11.69
N GLY A 64 20.96 -13.53 -12.83
CA GLY A 64 20.37 -13.40 -14.16
C GLY A 64 20.40 -11.92 -14.53
N ASP A 65 21.04 -11.59 -15.63
CA ASP A 65 21.13 -10.19 -16.01
C ASP A 65 21.46 -10.01 -17.49
N GLY A 66 20.38 -9.75 -18.24
CA GLY A 66 20.43 -9.49 -19.65
C GLY A 66 21.36 -8.33 -19.95
N LEU A 67 22.42 -8.67 -20.67
CA LEU A 67 23.48 -7.76 -21.12
C LEU A 67 24.21 -7.08 -19.98
N GLY A 68 24.02 -7.58 -18.77
CA GLY A 68 24.65 -6.98 -17.59
C GLY A 68 24.08 -5.61 -17.30
N CYS A 69 22.86 -5.38 -17.77
CA CYS A 69 22.24 -4.07 -17.58
C CYS A 69 22.07 -3.64 -16.11
N ALA A 70 21.53 -4.54 -15.29
CA ALA A 70 21.31 -4.26 -13.87
C ALA A 70 22.64 -4.04 -13.15
N SER A 71 23.59 -4.89 -13.49
CA SER A 71 24.94 -4.86 -12.89
C SER A 71 25.65 -3.57 -13.25
N TRP A 72 25.32 -3.04 -14.42
CA TRP A 72 25.94 -1.82 -14.89
C TRP A 72 25.51 -0.67 -13.96
N TRP A 73 24.22 -0.62 -13.64
CA TRP A 73 23.67 0.44 -12.77
C TRP A 73 24.20 0.35 -11.36
N PHE A 74 24.24 -0.88 -10.86
CA PHE A 74 24.74 -1.14 -9.50
C PHE A 74 26.26 -0.89 -9.36
N ALA A 75 27.03 -1.30 -10.36
CA ALA A 75 28.49 -1.15 -10.32
C ALA A 75 28.91 0.30 -10.16
N ARG A 76 28.13 1.15 -10.78
CA ARG A 76 28.38 2.60 -10.79
C ARG A 76 28.11 3.24 -9.45
N ALA A 77 27.36 2.53 -8.62
CA ALA A 77 26.90 3.02 -7.30
C ALA A 77 27.68 2.56 -6.09
N ILE A 78 28.67 1.70 -6.30
CA ILE A 78 29.44 1.14 -5.18
C ILE A 78 30.92 1.47 -5.17
N SER A 79 31.51 1.36 -3.98
CA SER A 79 32.96 1.62 -3.82
C SER A 79 33.79 0.45 -4.30
N ILE A 80 35.08 0.73 -4.32
CA ILE A 80 36.09 -0.24 -4.74
CA ILE A 80 36.08 -0.25 -4.74
C ILE A 80 36.16 -1.38 -3.72
N SER A 81 35.73 -1.07 -2.51
CA SER A 81 35.77 -2.05 -1.40
C SER A 81 34.54 -2.98 -1.44
N SER A 82 33.57 -2.61 -2.26
CA SER A 82 32.34 -3.40 -2.44
C SER A 82 32.37 -4.20 -3.72
N ARG A 83 31.38 -5.06 -3.83
CA ARG A 83 31.23 -5.95 -4.98
C ARG A 83 29.82 -6.21 -5.46
N VAL A 84 29.74 -6.35 -6.79
CA VAL A 84 28.53 -6.77 -7.48
C VAL A 84 28.92 -8.14 -8.04
N VAL A 85 28.08 -9.12 -7.74
CA VAL A 85 28.25 -10.48 -8.21
C VAL A 85 27.09 -10.76 -9.16
N ILE A 87 25.60 -13.32 -12.09
CA ILE A 87 25.53 -14.70 -12.60
C ILE A 87 24.48 -14.80 -13.71
N ASP A 88 24.87 -15.42 -14.82
CA ASP A 88 23.95 -15.58 -15.95
C ASP A 88 24.28 -16.86 -16.74
N PRO A 89 23.25 -17.59 -17.17
CA PRO A 89 23.58 -18.81 -17.88
C PRO A 89 24.12 -18.57 -19.28
N ASP A 90 23.88 -17.39 -19.83
CA ASP A 90 24.34 -17.11 -21.19
C ASP A 90 25.72 -16.44 -21.22
N ARG A 91 26.62 -17.04 -21.98
CA ARG A 91 28.01 -16.54 -22.12
C ARG A 91 28.08 -15.16 -22.80
N ASP A 92 27.09 -14.86 -23.64
CA ASP A 92 27.04 -13.58 -24.38
C ASP A 92 26.65 -12.40 -23.49
N ASN A 93 25.89 -12.74 -22.45
CA ASN A 93 25.46 -11.76 -21.47
C ASN A 93 26.63 -11.41 -20.61
N VAL A 94 27.29 -12.46 -20.17
CA VAL A 94 28.44 -12.29 -19.28
C VAL A 94 29.54 -11.50 -20.03
N GLU A 95 29.78 -11.86 -21.29
CA GLU A 95 30.82 -11.20 -22.11
C GLU A 95 30.49 -9.74 -22.42
N HIS A 96 29.20 -9.49 -22.65
CA HIS A 96 28.77 -8.13 -22.96
C HIS A 96 29.04 -7.25 -21.75
N ALA A 97 28.70 -7.77 -20.58
CA ALA A 97 28.91 -7.03 -19.33
C ALA A 97 30.40 -6.86 -19.06
N ARG A 98 31.17 -7.91 -19.30
CA ARG A 98 32.62 -7.83 -19.05
CA ARG A 98 32.61 -7.84 -19.08
C ARG A 98 33.22 -6.69 -19.85
N ARG A 99 32.87 -6.64 -21.12
CA ARG A 99 33.38 -5.59 -22.00
C ARG A 99 33.07 -4.17 -21.52
N LEU A 101 32.19 -3.17 -18.60
CA LEU A 101 32.82 -2.91 -17.31
C LEU A 101 34.31 -2.73 -17.45
N HIS A 102 34.90 -3.47 -18.37
CA HIS A 102 36.32 -3.35 -18.60
C HIS A 102 36.54 -1.98 -19.18
N ASP A 103 35.64 -1.62 -20.09
CA ASP A 103 35.76 -0.35 -20.80
C ASP A 103 35.70 0.85 -19.86
N ASN A 104 34.89 0.75 -18.79
CA ASN A 104 34.73 1.87 -17.82
CA ASN A 104 34.76 1.87 -17.85
C ASN A 104 35.53 1.66 -16.54
N GLY A 105 36.25 0.55 -16.50
CA GLY A 105 37.12 0.19 -15.39
C GLY A 105 36.53 -0.44 -14.15
N LEU A 106 35.20 -0.40 -14.09
CA LEU A 106 34.43 -0.93 -12.93
C LEU A 106 34.49 -2.45 -12.81
N ILE A 107 35.23 -3.08 -13.74
CA ILE A 107 35.38 -4.54 -13.73
C ILE A 107 36.17 -4.89 -12.45
N ASP A 108 36.75 -3.85 -11.86
CA ASP A 108 37.55 -3.94 -10.61
C ASP A 108 36.69 -4.21 -9.37
N ARG A 109 35.38 -4.11 -9.54
CA ARG A 109 34.48 -4.32 -8.39
C ARG A 109 33.23 -5.10 -8.76
N VAL A 110 33.37 -5.85 -9.85
CA VAL A 110 32.31 -6.74 -10.36
C VAL A 110 32.87 -8.12 -10.67
N GLU A 111 32.20 -9.10 -10.10
CA GLU A 111 32.51 -10.52 -10.28
C GLU A 111 31.45 -11.08 -11.21
N LEU A 112 31.87 -11.58 -12.36
CA LEU A 112 30.94 -12.11 -13.36
C LEU A 112 31.10 -13.60 -13.55
N GLN A 113 29.98 -14.31 -13.54
CA GLN A 113 30.00 -15.78 -13.71
C GLN A 113 28.94 -16.30 -14.67
N VAL A 114 29.36 -17.29 -15.44
CA VAL A 114 28.51 -17.99 -16.38
C VAL A 114 28.09 -19.23 -15.60
N GLY A 115 26.80 -19.39 -15.40
CA GLY A 115 26.28 -20.54 -14.65
C GLY A 115 24.83 -20.41 -14.20
N ASP A 116 24.44 -21.25 -13.27
CA ASP A 116 23.07 -21.24 -12.76
C ASP A 116 22.91 -20.06 -11.80
N PRO A 117 22.00 -19.10 -12.11
CA PRO A 117 21.89 -17.93 -11.22
C PRO A 117 21.68 -18.20 -9.72
N LEU A 118 20.69 -19.03 -9.38
CA LEU A 118 20.37 -19.28 -7.96
C LEU A 118 21.30 -20.26 -7.31
N GLY A 119 21.75 -21.21 -8.12
CA GLY A 119 22.69 -22.23 -7.65
C GLY A 119 23.96 -21.58 -7.12
N ILE A 120 24.47 -20.62 -7.89
CA ILE A 120 25.68 -19.89 -7.53
C ILE A 120 25.43 -18.81 -6.48
N ALA A 121 24.30 -18.11 -6.62
CA ALA A 121 23.94 -17.03 -5.70
C ALA A 121 23.79 -17.55 -4.28
N ALA A 122 23.27 -18.77 -4.21
CA ALA A 122 23.03 -19.42 -2.93
C ALA A 122 24.32 -19.62 -2.10
N GLY A 123 25.47 -19.51 -2.74
CA GLY A 123 26.76 -19.68 -2.06
C GLY A 123 27.30 -18.39 -1.49
N GLN A 124 26.57 -17.31 -1.74
CA GLN A 124 26.92 -15.98 -1.24
C GLN A 124 26.42 -15.77 0.18
N ARG A 125 27.08 -14.88 0.90
CA ARG A 125 26.71 -14.56 2.28
C ARG A 125 26.65 -13.06 2.53
N ASP A 126 25.75 -12.67 3.43
CA ASP A 126 25.61 -11.25 3.80
C ASP A 126 25.38 -10.35 2.61
N ILE A 127 24.44 -10.77 1.80
CA ILE A 127 24.00 -9.99 0.63
C ILE A 127 23.22 -8.77 1.12
N ASP A 128 23.64 -7.59 0.68
CA ASP A 128 23.02 -6.29 1.05
C ASP A 128 21.90 -5.93 0.11
N ILE A 129 22.09 -6.24 -1.17
CA ILE A 129 21.06 -6.01 -2.18
C ILE A 129 20.95 -7.23 -3.05
N LEU A 130 19.75 -7.76 -3.12
CA LEU A 130 19.45 -8.91 -3.97
C LEU A 130 18.49 -8.44 -5.05
N PHE A 131 18.99 -8.47 -6.28
CA PHE A 131 18.21 -8.05 -7.44
C PHE A 131 17.48 -9.25 -8.00
N ASP A 133 14.31 -10.58 -11.01
CA ASP A 133 13.37 -10.39 -12.15
C ASP A 133 12.15 -11.34 -11.98
N CYS A 134 11.01 -10.73 -11.71
CA CYS A 134 9.78 -11.49 -11.49
C CYS A 134 9.30 -12.27 -12.68
N ASP A 135 9.83 -11.97 -13.87
CA ASP A 135 9.46 -12.70 -15.10
CA ASP A 135 9.38 -12.70 -15.07
C ASP A 135 10.15 -14.02 -15.23
N VAL A 136 11.28 -14.11 -14.55
CA VAL A 136 12.15 -15.28 -14.58
C VAL A 136 12.06 -16.19 -13.38
N PHE A 137 11.77 -15.62 -12.23
CA PHE A 137 11.71 -16.41 -11.02
C PHE A 137 10.49 -16.21 -10.18
N ASN A 138 10.13 -17.30 -9.52
CA ASN A 138 9.04 -17.34 -8.55
C ASN A 138 9.67 -16.76 -7.29
N GLY A 139 9.30 -15.53 -6.97
CA GLY A 139 9.86 -14.82 -5.85
C GLY A 139 9.93 -15.56 -4.52
N ALA A 140 8.83 -16.22 -4.20
CA ALA A 140 8.70 -16.95 -2.92
C ALA A 140 9.72 -18.06 -2.85
N ASP A 141 9.93 -18.65 -4.01
CA ASP A 141 10.89 -19.76 -4.17
C ASP A 141 12.31 -19.23 -3.99
N VAL A 142 12.59 -18.09 -4.61
CA VAL A 142 13.92 -17.47 -4.53
C VAL A 142 14.27 -17.09 -3.10
N LEU A 143 13.28 -16.56 -2.40
CA LEU A 143 13.46 -16.08 -1.04
C LEU A 143 13.60 -17.25 -0.06
N GLU A 144 12.92 -18.36 -0.35
CA GLU A 144 12.99 -19.52 0.55
C GLU A 144 14.39 -20.06 0.51
N ARG A 145 15.03 -19.90 -0.64
CA ARG A 145 16.41 -20.38 -0.85
C ARG A 145 17.48 -19.38 -0.43
N ASN A 147 16.95 -16.28 1.56
CA ASN A 147 16.81 -15.47 2.77
C ASN A 147 18.00 -15.68 3.73
N ARG A 148 18.54 -16.90 3.72
CA ARG A 148 19.67 -17.30 4.58
C ARG A 148 20.98 -16.63 4.20
N CYS A 149 20.99 -16.13 2.97
CA CYS A 149 22.16 -15.49 2.35
C CYS A 149 22.15 -14.00 2.52
N LEU A 150 21.04 -13.51 3.05
CA LEU A 150 20.86 -12.07 3.23
C LEU A 150 21.48 -11.50 4.50
N ALA A 151 22.03 -10.30 4.36
CA ALA A 151 22.59 -9.60 5.50
C ALA A 151 21.46 -8.93 6.26
N LYS A 152 21.78 -8.57 7.50
CA LYS A 152 20.83 -7.81 8.31
C LYS A 152 20.43 -6.58 7.50
N ASN A 153 19.12 -6.31 7.46
CA ASN A 153 18.57 -5.12 6.79
C ASN A 153 18.85 -5.05 5.28
N ALA A 154 19.00 -6.21 4.68
CA ALA A 154 19.16 -6.30 3.21
C ALA A 154 17.91 -5.76 2.53
N LEU A 155 18.10 -5.37 1.29
CA LEU A 155 17.05 -4.87 0.45
C LEU A 155 16.89 -5.72 -0.78
N LEU A 156 15.65 -6.12 -0.99
CA LEU A 156 15.24 -6.91 -2.13
CA LEU A 156 15.23 -6.91 -2.14
C LEU A 156 14.68 -5.93 -3.14
N ILE A 157 15.12 -6.07 -4.38
CA ILE A 157 14.65 -5.23 -5.52
C ILE A 157 14.22 -6.22 -6.62
N ALA A 158 12.91 -6.27 -6.84
CA ALA A 158 12.29 -7.18 -7.82
C ALA A 158 11.60 -6.39 -8.91
N VAL A 159 12.11 -6.56 -10.12
CA VAL A 159 11.57 -5.83 -11.26
C VAL A 159 10.47 -6.63 -11.93
N ASN A 160 9.81 -5.96 -12.87
CA ASN A 160 8.69 -6.55 -13.65
C ASN A 160 7.63 -7.09 -12.70
N ALA A 161 7.43 -6.34 -11.63
CA ALA A 161 6.46 -6.65 -10.57
C ALA A 161 4.96 -6.41 -10.89
N LEU A 162 4.66 -5.51 -11.82
CA LEU A 162 3.27 -5.17 -12.20
C LEU A 162 2.92 -5.65 -13.59
N ARG A 163 3.92 -5.75 -14.44
CA ARG A 163 3.71 -6.24 -15.80
C ARG A 163 5.00 -6.84 -16.31
N ARG A 164 4.83 -7.75 -17.26
CA ARG A 164 5.94 -8.48 -17.87
C ARG A 164 6.86 -7.61 -18.66
N GLY A 165 8.12 -8.00 -18.61
CA GLY A 165 9.21 -7.31 -19.29
C GLY A 165 9.22 -7.59 -20.78
N ALA A 178 -2.62 -4.79 -13.38
CA ALA A 178 -1.30 -5.44 -13.28
C ALA A 178 -1.08 -6.06 -11.93
N LEU A 179 0.05 -6.76 -11.84
CA LEU A 179 0.56 -7.43 -10.62
C LEU A 179 0.58 -8.93 -10.58
N ARG A 180 1.61 -9.49 -9.94
CA ARG A 180 1.79 -10.96 -9.75
CA ARG A 180 1.77 -10.96 -9.76
C ARG A 180 2.07 -11.48 -8.34
N GLU A 181 2.12 -12.79 -8.31
CA GLU A 181 2.25 -13.62 -7.07
C GLU A 181 3.22 -13.19 -5.99
N PHE A 182 4.42 -12.81 -6.38
CA PHE A 182 5.43 -12.45 -5.37
C PHE A 182 4.97 -11.25 -4.55
N ASN A 183 4.20 -10.37 -5.20
CA ASN A 183 3.68 -9.20 -4.51
C ASN A 183 2.82 -9.63 -3.32
N HIS A 184 1.98 -10.64 -3.56
CA HIS A 184 1.02 -11.13 -2.55
C HIS A 184 1.74 -11.85 -1.45
N HIS A 185 2.80 -12.54 -1.82
CA HIS A 185 3.61 -13.27 -0.85
C HIS A 185 4.40 -12.33 0.06
N LEU A 186 5.19 -11.49 -0.58
CA LEU A 186 6.13 -10.62 0.16
C LEU A 186 5.45 -9.61 1.05
N SER A 187 4.25 -9.23 0.64
CA SER A 187 3.49 -8.24 1.40
CA SER A 187 3.49 -8.24 1.39
C SER A 187 3.01 -8.82 2.72
N ARG A 188 3.02 -10.14 2.80
CA ARG A 188 2.56 -10.87 3.99
C ARG A 188 3.66 -11.34 4.86
N ARG A 189 4.86 -11.12 4.39
CA ARG A 189 6.05 -11.50 5.16
C ARG A 189 6.34 -10.47 6.21
N ARG A 190 6.00 -10.82 7.44
CA ARG A 190 6.17 -9.91 8.59
CA ARG A 190 6.15 -9.90 8.57
C ARG A 190 7.62 -9.59 8.88
N ASP A 191 8.52 -10.29 8.21
CA ASP A 191 9.96 -10.10 8.37
C ASP A 191 10.50 -9.08 7.39
N PHE A 192 9.62 -8.64 6.51
CA PHE A 192 9.92 -7.59 5.52
C PHE A 192 8.94 -6.44 5.52
N PHE A 193 9.47 -5.26 5.19
CA PHE A 193 8.66 -4.06 4.99
C PHE A 193 8.71 -3.84 3.46
N THR A 194 7.54 -3.88 2.84
CA THR A 194 7.48 -3.80 1.38
C THR A 194 6.60 -2.70 0.78
N THR A 195 6.99 -2.29 -0.41
CA THR A 195 6.20 -1.35 -1.17
C THR A 195 6.53 -1.57 -2.64
N ILE A 196 5.60 -1.19 -3.50
CA ILE A 196 5.77 -1.29 -4.93
C ILE A 196 5.71 0.11 -5.53
N VAL A 197 6.79 0.48 -6.21
CA VAL A 197 6.82 1.78 -6.85
CA VAL A 197 6.94 1.76 -6.89
C VAL A 197 6.47 1.54 -8.34
N PRO A 198 5.51 2.29 -8.82
CA PRO A 198 5.14 1.99 -10.18
C PRO A 198 5.96 2.65 -11.30
N VAL A 199 7.27 2.46 -11.20
CA VAL A 199 8.24 2.94 -12.21
CA VAL A 199 8.26 2.94 -12.19
C VAL A 199 8.45 1.80 -13.20
N GLY A 200 8.48 2.12 -14.49
CA GLY A 200 8.66 1.09 -15.51
C GLY A 200 7.55 0.04 -15.49
N ASN A 201 7.96 -1.20 -15.33
CA ASN A 201 7.05 -2.35 -15.26
C ASN A 201 6.64 -2.69 -13.81
N GLY A 202 7.00 -1.78 -12.90
CA GLY A 202 6.72 -1.92 -11.46
C GLY A 202 7.92 -2.51 -10.78
N VAL A 203 8.25 -1.93 -9.64
CA VAL A 203 9.41 -2.37 -8.86
C VAL A 203 9.00 -2.65 -7.41
N LEU A 204 9.15 -3.91 -7.02
CA LEU A 204 8.84 -4.34 -5.66
C LEU A 204 10.08 -4.18 -4.80
N LEU A 205 9.91 -3.49 -3.68
CA LEU A 205 11.01 -3.26 -2.76
C LEU A 205 10.66 -3.89 -1.43
N GLY A 206 11.60 -4.68 -0.93
CA GLY A 206 11.46 -5.35 0.38
C GLY A 206 12.66 -5.12 1.27
N TYR A 207 12.43 -4.45 2.38
CA TYR A 207 13.47 -4.18 3.37
C TYR A 207 13.38 -5.21 4.46
N ARG A 208 14.48 -5.87 4.74
CA ARG A 208 14.49 -6.91 5.73
C ARG A 208 14.63 -6.28 7.11
N LEU A 209 13.58 -6.46 7.88
CA LEU A 209 13.49 -5.90 9.25
C LEU A 209 14.55 -6.48 10.18
N SER A 210 15.00 -5.65 11.12
CA SER A 210 16.05 -6.01 12.08
C SER A 210 15.65 -7.21 12.93
N PRO B 4 -4.17 11.91 -14.39
CA PRO B 4 -3.67 10.68 -13.76
C PRO B 4 -2.18 10.56 -13.82
N ILE B 5 -1.61 10.12 -12.72
CA ILE B 5 -0.15 9.92 -12.69
C ILE B 5 0.08 8.46 -13.07
N VAL B 6 -0.64 7.56 -12.41
CA VAL B 6 -0.58 6.14 -12.75
C VAL B 6 -2.00 5.65 -12.96
N ASP B 7 -2.13 4.72 -13.88
CA ASP B 7 -3.42 4.09 -14.19
C ASP B 7 -4.20 3.81 -12.89
N SER B 8 -5.49 4.17 -12.86
CA SER B 8 -6.32 3.99 -11.66
C SER B 8 -6.47 2.52 -11.23
N ARG B 9 -6.31 1.62 -12.19
CA ARG B 9 -6.39 0.20 -11.89
C ARG B 9 -5.13 -0.25 -11.13
N ILE B 10 -4.00 0.32 -11.48
CA ILE B 10 -2.74 0.00 -10.79
C ILE B 10 -2.83 0.52 -9.37
N GLY B 11 -3.32 1.74 -9.23
CA GLY B 11 -3.43 2.36 -7.88
C GLY B 11 -4.34 1.60 -6.93
N ALA B 12 -5.43 1.10 -7.48
CA ALA B 12 -6.46 0.31 -6.77
C ALA B 12 -5.88 -1.03 -6.31
N TYR B 13 -5.09 -1.60 -7.20
CA TYR B 13 -4.41 -2.88 -6.94
C TYR B 13 -3.38 -2.71 -5.81
N LEU B 14 -2.59 -1.65 -5.89
CA LEU B 14 -1.56 -1.40 -4.87
C LEU B 14 -2.18 -1.15 -3.50
N ASP B 15 -3.33 -0.51 -3.49
CA ASP B 15 -4.05 -0.27 -2.25
C ASP B 15 -4.62 -1.56 -1.68
N GLY B 16 -5.05 -2.46 -2.54
CA GLY B 16 -5.62 -3.72 -2.07
C GLY B 16 -4.59 -4.57 -1.36
N LEU B 17 -3.34 -4.42 -1.79
CA LEU B 17 -2.20 -5.17 -1.20
C LEU B 17 -1.75 -4.65 0.18
N LEU B 18 -2.25 -3.47 0.53
CA LEU B 18 -1.88 -2.89 1.83
C LEU B 18 -2.29 -3.73 3.04
N PRO B 19 -1.46 -3.66 4.10
CA PRO B 19 -1.80 -4.38 5.31
C PRO B 19 -2.83 -3.54 6.05
N GLU B 20 -3.31 -4.02 7.18
CA GLU B 20 -4.25 -3.27 7.97
C GLU B 20 -3.49 -2.01 8.39
N ALA B 21 -4.17 -0.89 8.46
CA ALA B 21 -3.51 0.36 8.84
C ALA B 21 -3.20 0.39 10.32
N ASP B 22 -2.22 1.23 10.62
CA ASP B 22 -1.80 1.51 11.98
C ASP B 22 -2.93 2.40 12.50
N PRO B 23 -3.46 2.09 13.68
CA PRO B 23 -4.57 2.91 14.15
C PRO B 23 -4.18 4.37 14.36
N VAL B 24 -2.90 4.61 14.54
CA VAL B 24 -2.39 5.97 14.73
C VAL B 24 -2.54 6.73 13.43
N VAL B 25 -2.24 6.03 12.34
CA VAL B 25 -2.33 6.56 10.98
C VAL B 25 -3.80 6.70 10.59
N ALA B 26 -4.60 5.71 10.91
CA ALA B 26 -6.04 5.75 10.60
C ALA B 26 -6.69 6.92 11.33
N ALA B 27 -6.29 7.13 12.60
CA ALA B 27 -6.83 8.23 13.41
C ALA B 27 -6.44 9.59 12.83
N GLU B 29 -5.70 10.20 9.76
CA GLU B 29 -6.37 10.36 8.45
C GLU B 29 -7.81 10.87 8.59
N GLN B 30 -8.35 10.67 9.79
CA GLN B 30 -9.74 11.08 10.10
C GLN B 30 -9.75 12.55 10.46
N ILE B 31 -8.74 12.94 11.23
CA ILE B 31 -8.57 14.31 11.69
C ILE B 31 -8.28 15.21 10.52
N ALA B 32 -7.52 14.68 9.58
CA ALA B 32 -7.12 15.43 8.41
C ALA B 32 -8.34 15.66 7.57
N ARG B 33 -9.09 14.59 7.46
CA ARG B 33 -10.30 14.59 6.67
C ARG B 33 -11.31 15.63 7.15
N GLU B 34 -11.49 15.70 8.46
CA GLU B 34 -12.48 16.62 9.07
C GLU B 34 -11.98 18.05 9.18
N ARG B 35 -10.71 18.22 9.56
CA ARG B 35 -10.15 19.56 9.68
C ARG B 35 -9.75 20.02 8.29
N ASN B 36 -9.97 19.11 7.34
CA ASN B 36 -9.64 19.33 5.93
C ASN B 36 -8.17 19.77 5.75
N ILE B 37 -7.27 19.02 6.38
CA ILE B 37 -5.84 19.28 6.31
C ILE B 37 -5.23 18.29 5.33
N PRO B 38 -4.48 18.78 4.34
CA PRO B 38 -3.89 17.77 3.45
C PRO B 38 -2.74 17.06 4.12
N ILE B 39 -2.68 15.75 3.91
CA ILE B 39 -1.58 14.96 4.47
C ILE B 39 -1.06 13.99 3.42
N VAL B 40 0.12 13.49 3.73
CA VAL B 40 0.77 12.50 2.88
C VAL B 40 -0.10 11.23 2.77
N ASP B 41 -0.36 10.77 1.54
CA ASP B 41 -1.17 9.55 1.37
C ASP B 41 -0.30 8.41 1.91
N ARG B 42 -0.97 7.30 2.13
CA ARG B 42 -0.36 6.14 2.71
C ARG B 42 0.76 5.47 1.89
N GLN B 43 0.62 5.43 0.57
CA GLN B 43 1.68 4.83 -0.25
C GLN B 43 2.95 5.67 -0.15
N THR B 44 2.78 6.98 -0.09
CA THR B 44 3.89 7.93 0.00
C THR B 44 4.54 7.81 1.36
N GLY B 45 3.74 7.73 2.41
CA GLY B 45 4.30 7.58 3.75
C GLY B 45 5.12 6.31 3.87
N ARG B 46 4.59 5.21 3.32
CA ARG B 46 5.30 3.95 3.35
C ARG B 46 6.69 4.07 2.66
N LEU B 47 6.71 4.79 1.53
CA LEU B 47 7.95 5.02 0.80
C LEU B 47 8.90 5.83 1.67
N LEU B 48 8.38 6.84 2.37
CA LEU B 48 9.22 7.67 3.25
C LEU B 48 9.90 6.80 4.31
N TYR B 49 9.11 5.90 4.89
CA TYR B 49 9.60 4.98 5.93
C TYR B 49 10.73 4.09 5.39
N LEU B 50 10.48 3.52 4.22
CA LEU B 50 11.43 2.64 3.53
CA LEU B 50 11.45 2.61 3.60
C LEU B 50 12.76 3.33 3.30
N LEU B 51 12.63 4.50 2.70
CA LEU B 51 13.81 5.34 2.36
C LEU B 51 14.65 5.66 3.60
N ALA B 52 13.98 6.08 4.67
CA ALA B 52 14.67 6.38 5.90
C ALA B 52 15.33 5.14 6.50
N ARG B 53 14.68 3.98 6.41
CA ARG B 53 15.28 2.77 6.98
C ARG B 53 16.53 2.44 6.24
N ILE B 54 16.50 2.60 4.93
CA ILE B 54 17.65 2.31 4.08
CA ILE B 54 17.72 2.23 4.19
C ILE B 54 18.80 3.31 4.30
N LYS B 55 18.41 4.57 4.34
CA LYS B 55 19.36 5.70 4.48
C LYS B 55 20.03 5.77 5.85
N GLN B 56 19.31 5.31 6.88
CA GLN B 56 19.79 5.37 8.29
C GLN B 56 20.24 6.82 8.66
N PRO B 57 19.35 7.79 8.50
CA PRO B 57 19.78 9.14 8.80
C PRO B 57 19.96 9.42 10.27
N GLN B 58 20.82 10.38 10.55
CA GLN B 58 21.06 10.84 11.92
C GLN B 58 20.19 12.06 12.16
N LEU B 59 19.94 12.81 11.07
CA LEU B 59 19.10 14.02 11.14
C LEU B 59 18.10 14.15 9.99
N VAL B 60 16.83 14.25 10.33
CA VAL B 60 15.76 14.43 9.34
C VAL B 60 15.09 15.76 9.69
N VAL B 61 14.96 16.63 8.71
CA VAL B 61 14.31 17.95 8.91
C VAL B 61 13.03 18.05 8.06
N VAL B 62 11.96 18.44 8.74
CA VAL B 62 10.63 18.55 8.14
C VAL B 62 10.04 19.96 8.32
N PRO B 63 10.25 20.86 7.33
CA PRO B 63 9.72 22.21 7.43
C PRO B 63 8.29 22.29 6.92
N GLY B 64 7.37 22.23 7.86
CA GLY B 64 5.92 22.26 7.58
C GLY B 64 5.38 20.83 7.57
N ASP B 65 4.44 20.55 8.46
CA ASP B 65 3.93 19.19 8.52
C ASP B 65 2.56 19.10 9.17
N GLY B 66 1.59 18.99 8.27
CA GLY B 66 0.18 18.87 8.61
C GLY B 66 0.02 17.66 9.50
N LEU B 67 -0.38 17.96 10.73
CA LEU B 67 -0.64 17.01 11.82
C LEU B 67 0.55 16.16 12.21
N GLY B 68 1.72 16.55 11.75
CA GLY B 68 2.96 15.79 12.05
C GLY B 68 2.99 14.47 11.30
N CYS B 69 2.26 14.44 10.20
CA CYS B 69 2.15 13.22 9.39
C CYS B 69 3.50 12.69 8.85
N ALA B 70 4.27 13.53 8.18
CA ALA B 70 5.56 13.09 7.64
C ALA B 70 6.49 12.70 8.79
N SER B 71 6.41 13.49 9.85
CA SER B 71 7.28 13.30 11.01
C SER B 71 7.03 11.92 11.66
N TRP B 72 5.79 11.47 11.61
CA TRP B 72 5.43 10.18 12.17
C TRP B 72 6.13 9.08 11.38
N TRP B 73 6.07 9.16 10.05
CA TRP B 73 6.67 8.11 9.20
C TRP B 73 8.16 8.03 9.39
N PHE B 74 8.77 9.20 9.52
CA PHE B 74 10.22 9.33 9.74
C PHE B 74 10.64 8.89 11.13
N ALA B 75 9.85 9.27 12.14
CA ALA B 75 10.17 8.92 13.54
C ALA B 75 10.20 7.41 13.77
N ARG B 76 9.22 6.76 13.13
CA ARG B 76 9.01 5.29 13.16
C ARG B 76 10.21 4.58 12.57
N ALA B 77 10.95 5.29 11.73
CA ALA B 77 12.12 4.71 11.04
C ALA B 77 13.49 4.92 11.64
N ILE B 78 13.60 5.74 12.68
CA ILE B 78 14.91 6.02 13.29
C ILE B 78 14.98 5.63 14.75
N SER B 79 16.19 5.42 15.23
CA SER B 79 16.36 5.10 16.63
C SER B 79 16.63 6.36 17.40
N ILE B 80 16.83 6.16 18.70
CA ILE B 80 17.03 7.27 19.63
C ILE B 80 18.36 7.99 19.39
N SER B 81 19.25 7.39 18.61
CA SER B 81 20.55 8.04 18.33
C SER B 81 20.36 9.11 17.23
N SER B 82 19.18 9.13 16.63
CA SER B 82 18.84 10.09 15.58
C SER B 82 17.72 11.03 16.00
N ARG B 83 17.42 11.99 15.13
CA ARG B 83 16.39 12.98 15.38
C ARG B 83 15.63 13.44 14.15
N VAL B 84 14.35 13.72 14.38
CA VAL B 84 13.49 14.35 13.39
C VAL B 84 13.25 15.77 13.97
N VAL B 85 13.49 16.80 13.16
CA VAL B 85 13.23 18.14 13.60
C VAL B 85 12.06 18.67 12.77
N ILE B 87 9.09 21.63 12.15
CA ILE B 87 8.65 23.03 12.34
C ILE B 87 7.37 23.27 11.54
N ASP B 88 6.41 23.93 12.18
CA ASP B 88 5.16 24.25 11.51
C ASP B 88 4.65 25.59 12.03
N PRO B 89 4.08 26.43 11.17
CA PRO B 89 3.64 27.72 11.74
C PRO B 89 2.34 27.64 12.54
N ASP B 90 1.65 26.50 12.46
CA ASP B 90 0.35 26.32 13.17
C ASP B 90 0.46 25.51 14.46
N ARG B 91 0.20 26.18 15.57
CA ARG B 91 0.28 25.56 16.91
C ARG B 91 -0.53 24.27 17.01
N ASP B 92 -1.57 24.19 16.20
CA ASP B 92 -2.47 23.02 16.22
C ASP B 92 -1.81 21.79 15.63
N ASN B 93 -1.08 21.99 14.54
CA ASN B 93 -0.40 20.87 13.91
C ASN B 93 0.68 20.35 14.83
N VAL B 94 1.30 21.29 15.54
CA VAL B 94 2.43 20.97 16.43
C VAL B 94 1.94 20.27 17.68
N GLU B 95 0.80 20.72 18.21
CA GLU B 95 0.28 20.08 19.44
C GLU B 95 -0.31 18.72 19.14
N HIS B 96 -0.82 18.54 17.92
CA HIS B 96 -1.38 17.24 17.51
C HIS B 96 -0.22 16.25 17.41
N ALA B 97 0.82 16.72 16.74
CA ALA B 97 2.02 15.89 16.51
C ALA B 97 2.67 15.50 17.83
N ARG B 98 2.73 16.47 18.73
CA ARG B 98 3.37 16.24 20.03
C ARG B 98 2.64 15.17 20.81
N ARG B 99 1.32 15.26 20.83
CA ARG B 99 0.53 14.33 21.62
C ARG B 99 0.67 12.96 21.02
N LEU B 101 3.17 11.70 19.15
CA LEU B 101 4.52 11.14 19.35
C LEU B 101 4.78 10.76 20.83
N HIS B 102 4.21 11.55 21.71
CA HIS B 102 4.39 11.32 23.12
C HIS B 102 3.69 10.05 23.51
N ASP B 103 2.47 9.98 23.05
CA ASP B 103 1.60 8.84 23.33
C ASP B 103 2.16 7.51 22.80
N ASN B 104 2.96 7.61 21.77
CA ASN B 104 3.50 6.42 21.11
C ASN B 104 4.97 6.16 21.36
N GLY B 105 5.50 6.83 22.36
CA GLY B 105 6.88 6.64 22.76
C GLY B 105 7.97 7.05 21.81
N LEU B 106 7.68 8.04 20.99
CA LEU B 106 8.65 8.54 20.00
C LEU B 106 9.05 10.01 20.19
N ILE B 107 8.48 10.67 21.18
CA ILE B 107 8.81 12.10 21.37
C ILE B 107 10.28 12.27 21.72
N ASP B 108 10.88 11.21 22.22
CA ASP B 108 12.29 11.27 22.62
C ASP B 108 13.26 11.52 21.48
N ARG B 109 12.77 11.33 20.25
CA ARG B 109 13.64 11.49 19.09
C ARG B 109 13.12 12.51 18.07
N VAL B 110 12.17 13.30 18.52
CA VAL B 110 11.56 14.32 17.68
C VAL B 110 11.56 15.66 18.43
N GLU B 111 12.05 16.66 17.73
CA GLU B 111 12.10 18.04 18.20
C GLU B 111 11.05 18.80 17.41
N LEU B 112 10.11 19.42 18.13
CA LEU B 112 9.00 20.17 17.50
C LEU B 112 9.02 21.64 17.87
N GLN B 113 8.78 22.49 16.87
CA GLN B 113 8.74 23.95 17.06
C GLN B 113 7.62 24.61 16.26
N VAL B 114 7.00 25.60 16.87
CA VAL B 114 5.96 26.40 16.22
C VAL B 114 6.75 27.59 15.68
N GLY B 115 6.58 27.88 14.41
CA GLY B 115 7.29 29.00 13.80
C GLY B 115 7.40 28.90 12.31
N ASP B 116 8.29 29.73 11.77
CA ASP B 116 8.59 29.85 10.33
C ASP B 116 9.39 28.61 9.88
N PRO B 117 8.79 27.76 9.02
CA PRO B 117 9.52 26.53 8.66
C PRO B 117 10.94 26.66 8.14
N LEU B 118 11.13 27.32 6.99
CA LEU B 118 12.48 27.44 6.43
C LEU B 118 13.36 28.34 7.27
N GLY B 119 12.71 29.26 7.97
CA GLY B 119 13.43 30.20 8.81
C GLY B 119 14.19 29.47 9.89
N ILE B 120 13.47 28.57 10.53
CA ILE B 120 14.00 27.77 11.64
C ILE B 120 14.82 26.57 11.15
N ALA B 121 14.36 25.94 10.09
CA ALA B 121 15.02 24.75 9.53
C ALA B 121 16.46 25.04 9.13
N ALA B 122 16.69 26.29 8.67
CA ALA B 122 18.01 26.73 8.17
C ALA B 122 19.08 26.83 9.26
N GLY B 123 18.63 26.72 10.50
CA GLY B 123 19.52 26.76 11.66
C GLY B 123 20.15 25.40 11.91
N GLN B 124 19.65 24.39 11.22
CA GLN B 124 20.14 23.00 11.33
C GLN B 124 21.35 22.81 10.46
N ARG B 125 22.17 21.82 10.85
CA ARG B 125 23.39 21.48 10.12
C ARG B 125 23.52 19.98 9.88
N ASP B 126 24.16 19.62 8.78
CA ASP B 126 24.36 18.20 8.45
C ASP B 126 23.08 17.40 8.40
N ILE B 127 22.11 17.98 7.72
CA ILE B 127 20.81 17.33 7.50
C ILE B 127 20.98 16.16 6.55
N ASP B 128 20.51 14.96 6.95
CA ASP B 128 20.61 13.73 6.12
C ASP B 128 19.42 13.56 5.16
N ILE B 129 18.25 13.94 5.67
CA ILE B 129 17.02 13.93 4.87
C ILE B 129 16.30 15.21 5.08
N LEU B 130 16.08 15.90 3.98
CA LEU B 130 15.31 17.14 4.00
C LEU B 130 14.01 16.86 3.26
N PHE B 131 12.91 17.03 3.98
CA PHE B 131 11.60 16.78 3.42
C PHE B 131 10.96 18.09 3.06
N ASP B 133 7.35 19.86 0.85
CA ASP B 133 6.05 19.78 0.17
C ASP B 133 5.97 20.85 -0.91
N CYS B 134 5.98 20.39 -2.15
CA CYS B 134 5.92 21.28 -3.32
C CYS B 134 4.67 22.15 -3.39
N ASP B 135 3.62 21.71 -2.71
CA ASP B 135 2.33 22.49 -2.67
C ASP B 135 2.44 23.70 -1.77
N VAL B 136 3.48 23.67 -0.97
CA VAL B 136 3.70 24.74 0.00
C VAL B 136 4.90 25.64 -0.35
N PHE B 137 6.00 25.00 -0.75
CA PHE B 137 7.24 25.71 -1.10
C PHE B 137 7.76 25.34 -2.44
N ASN B 138 8.47 26.30 -3.03
CA ASN B 138 9.14 26.13 -4.33
CA ASN B 138 9.11 26.10 -4.33
C ASN B 138 10.52 25.60 -4.01
N GLY B 139 10.90 24.49 -4.60
CA GLY B 139 12.21 23.90 -4.32
C GLY B 139 13.40 24.82 -4.44
N ALA B 140 13.31 25.70 -5.41
CA ALA B 140 14.40 26.64 -5.68
C ALA B 140 14.59 27.55 -4.47
N ASP B 141 13.47 27.93 -3.89
CA ASP B 141 13.50 28.84 -2.74
C ASP B 141 14.10 28.12 -1.55
N VAL B 142 13.70 26.86 -1.44
CA VAL B 142 14.13 26.02 -0.32
C VAL B 142 15.65 25.79 -0.35
N LEU B 143 16.14 25.47 -1.52
CA LEU B 143 17.55 25.12 -1.69
C LEU B 143 18.45 26.35 -1.51
N GLU B 144 17.91 27.52 -1.82
CA GLU B 144 18.71 28.72 -1.68
C GLU B 144 18.98 28.96 -0.23
N ARG B 145 18.06 28.54 0.60
CA ARG B 145 18.22 28.81 2.01
C ARG B 145 18.76 27.64 2.79
N ASN B 147 20.69 24.70 1.16
CA ASN B 147 21.73 23.82 0.60
CA ASN B 147 21.80 23.98 0.55
C ASN B 147 22.92 23.66 1.53
N ARG B 148 23.29 24.72 2.22
CA ARG B 148 24.41 24.71 3.18
C ARG B 148 24.14 23.90 4.46
N CYS B 149 22.89 23.52 4.66
CA CYS B 149 22.54 22.77 5.87
C CYS B 149 22.59 21.27 5.62
N LEU B 150 22.77 20.89 4.36
CA LEU B 150 22.79 19.47 3.98
C LEU B 150 24.11 18.77 4.23
N ALA B 151 23.96 17.57 4.75
CA ALA B 151 25.08 16.67 5.02
C ALA B 151 25.59 16.15 3.72
N LYS B 152 26.79 15.60 3.77
CA LYS B 152 27.34 14.93 2.60
C LYS B 152 26.32 13.83 2.29
N ASN B 153 26.03 13.66 1.02
CA ASN B 153 25.13 12.59 0.54
C ASN B 153 23.72 12.66 1.11
N ALA B 154 23.30 13.88 1.41
CA ALA B 154 21.94 14.12 1.86
C ALA B 154 20.93 13.75 0.75
N LEU B 155 19.72 13.41 1.22
CA LEU B 155 18.60 13.10 0.32
C LEU B 155 17.49 14.08 0.51
N LEU B 156 17.14 14.74 -0.59
CA LEU B 156 16.01 15.65 -0.65
C LEU B 156 14.82 14.80 -1.11
N ILE B 157 13.74 14.91 -0.35
CA ILE B 157 12.48 14.21 -0.67
C ILE B 157 11.42 15.27 -0.82
N ALA B 158 10.92 15.45 -2.03
CA ALA B 158 9.91 16.46 -2.26
C ALA B 158 8.60 15.84 -2.74
N VAL B 159 7.56 15.97 -1.91
CA VAL B 159 6.24 15.42 -2.25
C VAL B 159 5.37 16.39 -3.09
N ASN B 160 4.39 15.80 -3.76
CA ASN B 160 3.49 16.56 -4.61
C ASN B 160 4.25 17.20 -5.74
N ALA B 161 5.24 16.47 -6.23
CA ALA B 161 6.15 16.94 -7.29
C ALA B 161 5.56 16.93 -8.69
N LEU B 162 4.51 16.16 -8.88
CA LEU B 162 3.87 16.08 -10.21
C LEU B 162 2.43 16.60 -10.27
N ARG B 163 1.85 16.83 -9.11
CA ARG B 163 0.47 17.23 -9.10
C ARG B 163 0.24 17.90 -7.75
N ARG B 180 8.58 21.97 -11.30
N ARG B 180 8.90 21.63 -11.16
CA ARG B 180 8.16 22.83 -12.39
CA ARG B 180 8.49 22.42 -12.32
C ARG B 180 9.47 23.16 -13.09
C ARG B 180 9.74 23.04 -12.94
N GLU B 181 9.99 24.34 -12.77
CA GLU B 181 11.28 24.84 -13.24
C GLU B 181 12.22 24.07 -12.34
N PHE B 182 11.75 23.81 -11.13
CA PHE B 182 12.55 23.13 -10.12
C PHE B 182 12.84 21.69 -10.43
N ASN B 183 11.85 20.98 -10.95
CA ASN B 183 12.05 19.58 -11.29
C ASN B 183 13.13 19.48 -12.37
N HIS B 184 13.10 20.40 -13.32
CA HIS B 184 14.08 20.41 -14.42
C HIS B 184 15.45 20.81 -13.90
N HIS B 185 15.46 21.86 -13.10
CA HIS B 185 16.72 22.39 -12.53
C HIS B 185 17.51 21.37 -11.72
N LEU B 186 16.80 20.66 -10.83
CA LEU B 186 17.43 19.66 -9.95
C LEU B 186 17.89 18.44 -10.77
N SER B 187 17.31 18.30 -11.94
CA SER B 187 17.63 17.21 -12.88
C SER B 187 18.72 17.60 -13.88
N ARG B 188 19.25 18.82 -13.75
CA ARG B 188 20.28 19.37 -14.66
CA ARG B 188 20.30 19.30 -14.68
C ARG B 188 21.54 19.89 -13.98
N ARG B 189 21.74 19.50 -12.73
CA ARG B 189 22.91 19.95 -11.95
C ARG B 189 23.72 18.74 -11.46
N ARG B 190 25.00 18.83 -11.76
CA ARG B 190 26.02 17.81 -11.53
C ARG B 190 26.20 17.35 -10.08
N ASP B 191 25.74 18.18 -9.15
CA ASP B 191 25.90 17.89 -7.73
C ASP B 191 24.75 17.07 -7.10
N PHE B 192 23.77 16.76 -7.92
CA PHE B 192 22.62 15.94 -7.53
C PHE B 192 22.31 14.88 -8.53
N PHE B 193 21.92 13.73 -8.00
CA PHE B 193 21.41 12.61 -8.83
C PHE B 193 19.91 12.59 -8.48
N THR B 194 19.07 12.91 -9.46
CA THR B 194 17.64 13.07 -9.19
C THR B 194 16.70 12.21 -9.98
N THR B 195 15.67 11.71 -9.31
CA THR B 195 14.65 10.95 -10.05
C THR B 195 13.30 11.26 -9.40
N ILE B 196 12.26 11.24 -10.21
CA ILE B 196 10.91 11.49 -9.71
C ILE B 196 10.12 10.20 -9.87
N VAL B 197 9.75 9.63 -8.73
CA VAL B 197 8.99 8.39 -8.76
CA VAL B 197 8.98 8.39 -8.64
C VAL B 197 7.48 8.66 -8.71
N PRO B 198 6.75 7.92 -9.54
CA PRO B 198 5.34 8.15 -9.63
C PRO B 198 4.54 7.45 -8.56
N VAL B 199 4.78 7.94 -7.34
CA VAL B 199 4.07 7.45 -6.15
CA VAL B 199 4.15 7.50 -6.10
C VAL B 199 3.20 8.61 -5.64
N GLY B 200 1.98 8.27 -5.29
CA GLY B 200 1.02 9.29 -4.82
C GLY B 200 0.99 10.43 -5.81
N ASN B 201 1.27 11.65 -5.38
CA ASN B 201 1.28 12.81 -6.32
C ASN B 201 2.64 13.16 -6.90
N GLY B 202 3.51 12.14 -6.90
CA GLY B 202 4.85 12.27 -7.46
C GLY B 202 5.80 12.66 -6.34
N VAL B 203 6.90 11.94 -6.26
CA VAL B 203 7.93 12.17 -5.25
C VAL B 203 9.29 12.30 -5.89
N LEU B 204 9.83 13.50 -5.75
CA LEU B 204 11.14 13.80 -6.27
C LEU B 204 12.14 13.39 -5.21
N LEU B 205 13.14 12.65 -5.64
CA LEU B 205 14.22 12.20 -4.78
C LEU B 205 15.51 12.79 -5.33
N GLY B 206 16.17 13.65 -4.55
CA GLY B 206 17.41 14.25 -4.97
C GLY B 206 18.54 13.91 -4.02
N TYR B 207 19.44 13.07 -4.51
CA TYR B 207 20.61 12.61 -3.78
C TYR B 207 21.83 13.44 -4.07
N ARG B 208 22.36 14.01 -3.00
CA ARG B 208 23.56 14.84 -3.10
C ARG B 208 24.82 13.98 -3.38
N LEU B 209 25.44 14.23 -4.53
CA LEU B 209 26.62 13.48 -5.00
C LEU B 209 27.96 13.86 -4.35
N ILE C 3 -18.25 6.56 -6.31
CA ILE C 3 -17.57 5.23 -6.26
C ILE C 3 -18.49 4.13 -6.81
N PRO C 4 -18.45 3.87 -8.13
CA PRO C 4 -19.29 2.79 -8.66
C PRO C 4 -18.72 1.47 -8.30
N ILE C 5 -19.59 0.52 -8.06
CA ILE C 5 -19.15 -0.81 -7.73
CA ILE C 5 -19.19 -0.83 -7.71
C ILE C 5 -19.39 -1.69 -8.95
N VAL C 6 -20.65 -1.76 -9.32
CA VAL C 6 -21.16 -2.50 -10.47
C VAL C 6 -21.31 -1.52 -11.65
N ASP C 7 -20.89 -1.90 -12.83
CA ASP C 7 -21.09 -1.06 -14.01
C ASP C 7 -22.57 -0.70 -13.97
N SER C 8 -22.90 0.57 -14.13
CA SER C 8 -24.31 1.04 -14.06
C SER C 8 -25.32 0.35 -15.03
N ARG C 9 -24.83 -0.12 -16.18
CA ARG C 9 -25.72 -0.80 -17.16
C ARG C 9 -26.06 -2.20 -16.63
N ILE C 10 -25.06 -2.82 -16.05
CA ILE C 10 -25.25 -4.15 -15.46
C ILE C 10 -26.22 -4.05 -14.32
N GLY C 11 -26.03 -3.02 -13.51
CA GLY C 11 -26.86 -2.79 -12.34
C GLY C 11 -28.33 -2.59 -12.70
N ALA C 12 -28.56 -1.83 -13.76
CA ALA C 12 -29.90 -1.52 -14.25
C ALA C 12 -30.57 -2.77 -14.81
N TYR C 13 -29.78 -3.55 -15.53
CA TYR C 13 -30.22 -4.84 -16.13
C TYR C 13 -30.66 -5.79 -15.04
N LEU C 14 -29.84 -5.91 -14.00
CA LEU C 14 -30.15 -6.81 -12.87
C LEU C 14 -31.40 -6.37 -12.14
N ASP C 15 -31.60 -5.06 -12.10
CA ASP C 15 -32.78 -4.46 -11.45
C ASP C 15 -34.03 -4.79 -12.27
N GLY C 16 -33.90 -4.75 -13.58
CA GLY C 16 -35.00 -5.03 -14.48
C GLY C 16 -35.48 -6.47 -14.38
N LEU C 17 -34.56 -7.35 -14.03
CA LEU C 17 -34.84 -8.81 -13.88
C LEU C 17 -35.59 -9.13 -12.60
N LEU C 18 -35.64 -8.16 -11.71
CA LEU C 18 -36.32 -8.36 -10.40
C LEU C 18 -37.82 -8.68 -10.50
N PRO C 19 -38.32 -9.54 -9.60
CA PRO C 19 -39.74 -9.79 -9.62
C PRO C 19 -40.38 -8.61 -8.96
N GLU C 20 -41.69 -8.58 -8.90
CA GLU C 20 -42.41 -7.50 -8.23
C GLU C 20 -42.05 -7.62 -6.74
N ALA C 21 -41.83 -6.48 -6.11
CA ALA C 21 -41.47 -6.38 -4.68
C ALA C 21 -42.63 -6.66 -3.78
N ASP C 22 -42.28 -7.21 -2.63
CA ASP C 22 -43.23 -7.50 -1.54
C ASP C 22 -43.62 -6.09 -1.16
N PRO C 23 -44.91 -5.82 -0.96
CA PRO C 23 -45.25 -4.45 -0.61
C PRO C 23 -44.64 -4.01 0.73
N VAL C 24 -44.41 -4.99 1.60
CA VAL C 24 -43.84 -4.75 2.93
C VAL C 24 -42.46 -4.15 2.76
N VAL C 25 -41.75 -4.68 1.77
CA VAL C 25 -40.41 -4.26 1.39
C VAL C 25 -40.51 -2.89 0.75
N ALA C 26 -41.46 -2.75 -0.16
CA ALA C 26 -41.65 -1.47 -0.84
C ALA C 26 -42.04 -0.39 0.18
N ALA C 27 -42.82 -0.79 1.18
CA ALA C 27 -43.26 0.15 2.21
C ALA C 27 -42.11 0.61 3.08
N GLU C 29 -38.95 0.71 2.33
CA GLU C 29 -38.04 1.55 1.52
C GLU C 29 -38.52 3.01 1.47
N GLN C 30 -39.83 3.20 1.56
CA GLN C 30 -40.41 4.54 1.55
C GLN C 30 -40.07 5.21 2.88
N ILE C 31 -40.45 4.53 3.94
CA ILE C 31 -40.20 4.99 5.31
C ILE C 31 -38.75 5.37 5.53
N ALA C 32 -37.89 4.55 4.95
CA ALA C 32 -36.46 4.72 5.11
C ALA C 32 -36.01 6.00 4.48
N ARG C 33 -36.53 6.22 3.28
CA ARG C 33 -36.18 7.42 2.51
C ARG C 33 -36.71 8.67 3.18
N GLU C 34 -37.93 8.56 3.65
CA GLU C 34 -38.66 9.68 4.30
C GLU C 34 -38.23 9.90 5.74
N ARG C 35 -37.27 9.10 6.19
CA ARG C 35 -36.69 9.17 7.54
C ARG C 35 -35.17 9.30 7.51
N ASN C 36 -34.64 9.31 6.29
CA ASN C 36 -33.21 9.42 6.03
C ASN C 36 -32.44 8.34 6.79
N ILE C 37 -32.93 7.11 6.65
CA ILE C 37 -32.35 5.93 7.28
C ILE C 37 -31.72 5.02 6.23
N PRO C 38 -30.41 4.76 6.35
CA PRO C 38 -29.90 3.85 5.33
C PRO C 38 -30.29 2.43 5.63
N ILE C 39 -30.62 1.74 4.56
CA ILE C 39 -31.02 0.35 4.62
C ILE C 39 -30.40 -0.44 3.50
N VAL C 40 -30.36 -1.74 3.71
CA VAL C 40 -29.85 -2.68 2.71
C VAL C 40 -30.69 -2.62 1.46
N ASP C 41 -30.02 -2.45 0.31
CA ASP C 41 -30.74 -2.40 -0.98
C ASP C 41 -31.30 -3.79 -1.30
N ARG C 42 -32.13 -3.82 -2.31
CA ARG C 42 -32.84 -5.05 -2.61
C ARG C 42 -31.98 -6.19 -3.09
N GLN C 43 -31.02 -5.89 -3.95
CA GLN C 43 -30.12 -6.94 -4.46
C GLN C 43 -29.33 -7.57 -3.30
N THR C 44 -28.95 -6.73 -2.33
CA THR C 44 -28.20 -7.22 -1.17
C THR C 44 -29.10 -8.05 -0.27
N GLY C 45 -30.32 -7.57 -0.03
CA GLY C 45 -31.27 -8.30 0.79
C GLY C 45 -31.55 -9.68 0.21
N ARG C 46 -31.69 -9.74 -1.11
CA ARG C 46 -31.96 -11.04 -1.79
C ARG C 46 -30.76 -12.00 -1.60
N LEU C 47 -29.54 -11.47 -1.63
CA LEU C 47 -28.36 -12.29 -1.41
C LEU C 47 -28.36 -12.78 0.06
N LEU C 48 -28.76 -11.91 0.99
CA LEU C 48 -28.82 -12.29 2.41
C LEU C 48 -29.78 -13.46 2.59
N TYR C 49 -30.94 -13.37 1.96
CA TYR C 49 -31.93 -14.45 2.01
C TYR C 49 -31.36 -15.78 1.46
N LEU C 50 -30.74 -15.70 0.29
CA LEU C 50 -30.20 -16.90 -0.36
C LEU C 50 -29.13 -17.53 0.51
N LEU C 51 -28.26 -16.70 1.04
CA LEU C 51 -27.18 -17.22 1.88
C LEU C 51 -27.73 -17.90 3.11
N ALA C 52 -28.73 -17.27 3.72
CA ALA C 52 -29.38 -17.82 4.91
C ALA C 52 -30.04 -19.17 4.59
N ARG C 53 -30.70 -19.25 3.44
CA ARG C 53 -31.38 -20.50 3.06
C ARG C 53 -30.39 -21.63 2.88
N ILE C 54 -29.23 -21.31 2.27
CA ILE C 54 -28.14 -22.28 2.04
CA ILE C 54 -28.24 -22.40 2.08
C ILE C 54 -27.49 -22.70 3.37
N LYS C 55 -27.29 -21.71 4.21
CA LYS C 55 -26.60 -21.93 5.49
C LYS C 55 -27.45 -22.71 6.47
N GLN C 56 -28.77 -22.55 6.38
CA GLN C 56 -29.72 -23.16 7.33
C GLN C 56 -29.30 -22.86 8.79
N PRO C 57 -29.19 -21.59 9.11
CA PRO C 57 -28.74 -21.29 10.47
C PRO C 57 -29.80 -21.52 11.54
N GLN C 58 -29.31 -21.84 12.73
CA GLN C 58 -30.17 -21.99 13.91
C GLN C 58 -30.29 -20.65 14.63
N LEU C 59 -29.21 -19.88 14.54
CA LEU C 59 -29.09 -18.57 15.16
C LEU C 59 -28.40 -17.53 14.28
N VAL C 60 -29.14 -16.45 14.06
CA VAL C 60 -28.66 -15.29 13.29
C VAL C 60 -28.69 -14.10 14.23
N VAL C 61 -27.56 -13.40 14.34
CA VAL C 61 -27.50 -12.20 15.18
C VAL C 61 -27.27 -10.96 14.36
N VAL C 62 -28.12 -9.97 14.62
CA VAL C 62 -28.07 -8.68 13.93
C VAL C 62 -27.91 -7.50 14.92
N PRO C 63 -26.65 -7.09 15.19
CA PRO C 63 -26.37 -5.93 16.08
C PRO C 63 -26.45 -4.62 15.29
N GLY C 64 -27.62 -4.03 15.38
CA GLY C 64 -27.94 -2.77 14.68
C GLY C 64 -28.67 -3.08 13.39
N ASP C 65 -29.84 -2.49 13.21
CA ASP C 65 -30.58 -2.78 12.01
C ASP C 65 -31.64 -1.71 11.78
N GLY C 66 -31.29 -0.76 10.93
CA GLY C 66 -32.21 0.33 10.60
C GLY C 66 -33.48 -0.27 10.03
N LEU C 67 -34.59 0.12 10.64
CA LEU C 67 -35.94 -0.34 10.26
C LEU C 67 -36.15 -1.85 10.28
N GLY C 68 -35.19 -2.57 10.86
CA GLY C 68 -35.28 -4.03 10.94
C GLY C 68 -35.18 -4.68 9.58
N CYS C 69 -34.55 -3.96 8.67
CA CYS C 69 -34.38 -4.44 7.29
C CYS C 69 -33.69 -5.80 7.12
N ALA C 70 -32.44 -5.91 7.60
CA ALA C 70 -31.67 -7.15 7.50
C ALA C 70 -32.42 -8.26 8.18
N SER C 71 -33.05 -7.92 9.31
CA SER C 71 -33.83 -8.88 10.11
C SER C 71 -35.02 -9.45 9.32
N TRP C 72 -35.64 -8.59 8.52
CA TRP C 72 -36.75 -9.00 7.68
C TRP C 72 -36.29 -10.09 6.68
N TRP C 73 -35.17 -9.86 6.00
CA TRP C 73 -34.66 -10.85 5.03
C TRP C 73 -34.28 -12.18 5.67
N PHE C 74 -33.64 -12.09 6.83
CA PHE C 74 -33.21 -13.30 7.54
C PHE C 74 -34.37 -14.04 8.16
N ALA C 75 -35.33 -13.29 8.69
CA ALA C 75 -36.50 -13.95 9.33
C ALA C 75 -37.24 -14.80 8.33
N ARG C 76 -37.31 -14.32 7.08
CA ARG C 76 -38.02 -15.08 6.02
CA ARG C 76 -37.96 -15.02 5.96
C ARG C 76 -37.29 -16.33 5.57
N ALA C 77 -36.01 -16.41 5.87
CA ALA C 77 -35.21 -17.57 5.50
C ALA C 77 -35.03 -18.68 6.53
N ILE C 78 -35.53 -18.48 7.74
CA ILE C 78 -35.35 -19.47 8.85
C ILE C 78 -36.59 -20.22 9.33
N SER C 79 -36.33 -21.36 9.96
CA SER C 79 -37.43 -22.21 10.46
C SER C 79 -37.92 -21.71 11.80
N ILE C 80 -39.04 -22.27 12.21
CA ILE C 80 -39.67 -21.88 13.44
C ILE C 80 -38.79 -22.23 14.63
N SER C 81 -37.93 -23.21 14.42
CA SER C 81 -37.07 -23.68 15.52
C SER C 81 -35.84 -22.81 15.70
N SER C 82 -35.59 -22.00 14.67
CA SER C 82 -34.46 -21.07 14.62
C SER C 82 -34.85 -19.68 15.10
N ARG C 83 -33.84 -18.85 15.27
CA ARG C 83 -34.05 -17.49 15.71
C ARG C 83 -33.14 -16.45 15.10
N VAL C 84 -33.72 -15.26 14.97
CA VAL C 84 -32.99 -14.08 14.56
C VAL C 84 -33.03 -13.21 15.81
N VAL C 85 -31.87 -12.78 16.29
CA VAL C 85 -31.76 -11.89 17.43
C VAL C 85 -31.29 -10.55 16.87
N ILE C 87 -30.75 -6.40 17.70
CA ILE C 87 -30.53 -5.36 18.69
C ILE C 87 -30.29 -4.00 18.02
N ASP C 88 -30.94 -2.98 18.56
CA ASP C 88 -30.75 -1.62 18.05
C ASP C 88 -30.93 -0.61 19.18
N PRO C 89 -30.15 0.49 19.18
CA PRO C 89 -30.28 1.49 20.23
C PRO C 89 -31.49 2.41 20.05
N ASP C 90 -32.14 2.33 18.91
CA ASP C 90 -33.30 3.20 18.63
C ASP C 90 -34.64 2.48 18.68
N ARG C 91 -35.45 2.86 19.67
CA ARG C 91 -36.78 2.27 19.87
C ARG C 91 -37.67 2.28 18.62
N ASP C 92 -37.45 3.25 17.75
CA ASP C 92 -38.26 3.37 16.50
C ASP C 92 -37.93 2.28 15.46
N ASN C 93 -36.71 1.75 15.53
CA ASN C 93 -36.27 0.70 14.61
C ASN C 93 -36.81 -0.61 15.07
N VAL C 94 -36.76 -0.81 16.39
CA VAL C 94 -37.25 -2.06 16.99
C VAL C 94 -38.74 -2.18 16.81
N GLU C 95 -39.43 -1.05 16.98
CA GLU C 95 -40.88 -1.01 16.86
C GLU C 95 -41.30 -1.24 15.41
N HIS C 96 -40.55 -0.65 14.49
CA HIS C 96 -40.86 -0.81 13.06
C HIS C 96 -40.75 -2.28 12.70
N ALA C 97 -39.69 -2.91 13.19
CA ALA C 97 -39.42 -4.32 12.96
C ALA C 97 -40.50 -5.21 13.58
N ARG C 98 -40.88 -4.85 14.79
CA ARG C 98 -41.87 -5.63 15.50
C ARG C 98 -43.17 -5.68 14.72
N ARG C 99 -43.57 -4.51 14.26
CA ARG C 99 -44.81 -4.39 13.50
C ARG C 99 -44.82 -5.23 12.22
N LEU C 101 -42.98 -7.78 11.46
CA LEU C 101 -42.86 -9.20 11.83
C LEU C 101 -44.15 -9.71 12.42
N HIS C 102 -44.84 -8.81 13.11
CA HIS C 102 -46.11 -9.18 13.71
C HIS C 102 -47.10 -9.40 12.60
N ASP C 103 -47.15 -8.43 11.72
CA ASP C 103 -48.08 -8.45 10.57
C ASP C 103 -47.89 -9.69 9.72
N ASN C 104 -46.63 -10.03 9.46
CA ASN C 104 -46.35 -11.21 8.62
CA ASN C 104 -46.26 -11.17 8.62
C ASN C 104 -46.24 -12.49 9.45
N GLY C 105 -46.35 -12.33 10.75
CA GLY C 105 -46.35 -13.46 11.70
C GLY C 105 -45.02 -14.00 12.21
N LEU C 106 -43.98 -13.61 11.48
CA LEU C 106 -42.60 -14.04 11.75
C LEU C 106 -41.99 -13.58 13.09
N ILE C 107 -42.78 -12.86 13.89
CA ILE C 107 -42.31 -12.36 15.18
C ILE C 107 -42.08 -13.56 16.11
N ASP C 108 -42.63 -14.68 15.68
CA ASP C 108 -42.52 -15.94 16.43
C ASP C 108 -41.10 -16.52 16.35
N ARG C 109 -40.29 -15.91 15.50
CA ARG C 109 -38.97 -16.42 15.15
C ARG C 109 -37.86 -15.41 15.31
N VAL C 110 -38.25 -14.26 15.82
CA VAL C 110 -37.35 -13.13 16.02
C VAL C 110 -37.42 -12.55 17.41
N GLU C 111 -36.24 -12.35 18.00
CA GLU C 111 -36.09 -11.75 19.32
C GLU C 111 -35.58 -10.34 19.09
N LEU C 112 -36.35 -9.34 19.50
CA LEU C 112 -35.97 -7.95 19.32
C LEU C 112 -35.69 -7.28 20.65
N GLN C 113 -34.61 -6.50 20.69
CA GLN C 113 -34.19 -5.76 21.89
C GLN C 113 -33.73 -4.36 21.59
N VAL C 114 -34.19 -3.42 22.39
CA VAL C 114 -33.72 -2.04 22.30
C VAL C 114 -32.52 -2.03 23.23
N GLY C 115 -31.36 -1.71 22.69
CA GLY C 115 -30.15 -1.66 23.52
C GLY C 115 -28.84 -1.51 22.76
N ASP C 116 -27.76 -1.76 23.49
CA ASP C 116 -26.42 -1.66 22.93
C ASP C 116 -26.18 -2.89 22.07
N PRO C 117 -26.06 -2.70 20.75
CA PRO C 117 -25.87 -3.88 19.86
C PRO C 117 -24.76 -4.89 20.20
N LEU C 118 -23.50 -4.47 20.38
CA LEU C 118 -22.44 -5.42 20.66
C LEU C 118 -22.43 -5.90 22.10
N GLY C 119 -22.88 -5.02 22.98
CA GLY C 119 -22.92 -5.35 24.38
C GLY C 119 -23.87 -6.51 24.60
N ILE C 120 -25.00 -6.44 23.92
CA ILE C 120 -26.05 -7.45 24.02
C ILE C 120 -25.69 -8.70 23.21
N ALA C 121 -25.21 -8.49 21.99
CA ALA C 121 -24.84 -9.59 21.10
C ALA C 121 -23.78 -10.53 21.69
N ALA C 122 -22.87 -9.96 22.48
CA ALA C 122 -21.75 -10.71 23.09
C ALA C 122 -22.22 -11.75 24.12
N GLY C 123 -23.48 -11.66 24.49
CA GLY C 123 -24.06 -12.60 25.43
C GLY C 123 -24.57 -13.85 24.75
N GLN C 124 -24.63 -13.78 23.42
CA GLN C 124 -25.10 -14.88 22.60
C GLN C 124 -24.02 -15.91 22.39
N ARG C 125 -24.46 -17.12 22.11
CA ARG C 125 -23.55 -18.23 21.87
C ARG C 125 -23.96 -19.02 20.63
N ASP C 126 -22.97 -19.67 20.04
CA ASP C 126 -23.15 -20.54 18.86
C ASP C 126 -23.90 -19.82 17.73
N ILE C 127 -23.49 -18.59 17.49
CA ILE C 127 -24.03 -17.75 16.39
C ILE C 127 -23.64 -18.39 15.06
N ASP C 128 -24.63 -18.60 14.19
CA ASP C 128 -24.41 -19.22 12.87
C ASP C 128 -24.16 -18.17 11.79
N ILE C 129 -24.84 -17.04 11.91
CA ILE C 129 -24.64 -15.90 11.00
C ILE C 129 -24.62 -14.63 11.82
N LEU C 130 -23.53 -13.90 11.65
CA LEU C 130 -23.33 -12.61 12.30
C LEU C 130 -23.32 -11.56 11.22
N PHE C 131 -24.33 -10.70 11.30
CA PHE C 131 -24.51 -9.61 10.36
C PHE C 131 -23.87 -8.37 10.95
N ASP C 133 -22.50 -4.14 9.85
CA ASP C 133 -22.48 -2.96 8.98
C ASP C 133 -21.13 -2.26 9.19
N CYS C 134 -20.32 -2.26 8.14
CA CYS C 134 -18.97 -1.65 8.21
C CYS C 134 -18.95 -0.13 8.41
N ASP C 135 -20.10 0.51 8.20
CA ASP C 135 -20.28 1.99 8.39
C ASP C 135 -20.32 2.37 9.84
N VAL C 136 -20.84 1.44 10.61
CA VAL C 136 -21.12 1.63 12.03
C VAL C 136 -20.14 0.99 12.97
N PHE C 137 -19.52 -0.07 12.49
CA PHE C 137 -18.57 -0.80 13.29
C PHE C 137 -17.26 -1.07 12.63
N ASN C 138 -16.25 -1.09 13.49
CA ASN C 138 -14.87 -1.44 13.17
C ASN C 138 -14.87 -2.96 13.28
N GLY C 139 -14.84 -3.60 12.13
CA GLY C 139 -14.91 -5.06 12.03
C GLY C 139 -13.97 -5.86 12.91
N ALA C 140 -12.71 -5.43 12.93
CA ALA C 140 -11.70 -6.11 13.75
C ALA C 140 -12.12 -6.14 15.21
N ASP C 141 -12.64 -5.02 15.68
CA ASP C 141 -13.05 -4.92 17.08
C ASP C 141 -14.23 -5.82 17.34
N VAL C 142 -15.15 -5.85 16.39
CA VAL C 142 -16.33 -6.70 16.54
C VAL C 142 -15.93 -8.17 16.62
N LEU C 143 -14.99 -8.55 15.75
CA LEU C 143 -14.57 -9.94 15.65
C LEU C 143 -13.74 -10.33 16.87
N GLU C 144 -13.03 -9.36 17.43
CA GLU C 144 -12.19 -9.60 18.64
C GLU C 144 -13.10 -10.02 19.77
N ARG C 145 -14.20 -9.29 19.85
CA ARG C 145 -15.20 -9.53 20.89
C ARG C 145 -16.16 -10.67 20.63
N ASN C 147 -15.87 -13.38 18.14
CA ASN C 147 -15.42 -14.67 17.59
C ASN C 147 -15.79 -15.83 18.54
N ARG C 148 -15.65 -15.54 19.83
CA ARG C 148 -15.96 -16.50 20.91
C ARG C 148 -17.45 -16.87 20.99
N CYS C 149 -18.26 -16.07 20.35
CA CYS C 149 -19.72 -16.27 20.34
C CYS C 149 -20.18 -17.02 19.10
N LEU C 150 -19.24 -17.18 18.17
CA LEU C 150 -19.56 -17.86 16.88
C LEU C 150 -19.53 -19.37 16.99
N ALA C 151 -20.43 -20.00 16.25
CA ALA C 151 -20.53 -21.46 16.19
C ALA C 151 -19.49 -21.95 15.21
N LYS C 152 -19.25 -23.24 15.27
CA LYS C 152 -18.35 -23.84 14.30
C LYS C 152 -18.90 -23.49 12.92
N ASN C 153 -17.99 -23.11 12.03
CA ASN C 153 -18.31 -22.78 10.62
C ASN C 153 -19.35 -21.69 10.41
N ALA C 154 -19.34 -20.75 11.35
CA ALA C 154 -20.20 -19.54 11.27
C ALA C 154 -19.83 -18.72 10.05
N LEU C 155 -20.82 -17.95 9.59
CA LEU C 155 -20.68 -17.05 8.45
C LEU C 155 -20.85 -15.61 8.85
N LEU C 156 -19.82 -14.84 8.59
CA LEU C 156 -19.84 -13.41 8.84
CA LEU C 156 -19.81 -13.41 8.81
C LEU C 156 -20.31 -12.73 7.55
N ILE C 157 -21.30 -11.85 7.69
CA ILE C 157 -21.83 -11.09 6.53
C ILE C 157 -21.68 -9.60 6.88
N ALA C 158 -20.77 -8.93 6.20
CA ALA C 158 -20.53 -7.51 6.49
C ALA C 158 -20.80 -6.64 5.27
N VAL C 159 -21.81 -5.79 5.43
CA VAL C 159 -22.26 -4.86 4.38
C VAL C 159 -21.49 -3.53 4.44
N ASN C 160 -21.67 -2.78 3.36
CA ASN C 160 -20.98 -1.47 3.13
C ASN C 160 -19.46 -1.67 3.20
N ALA C 161 -19.01 -2.76 2.58
CA ALA C 161 -17.59 -3.16 2.59
C ALA C 161 -16.70 -2.41 1.60
N LEU C 162 -17.30 -1.87 0.55
CA LEU C 162 -16.54 -1.16 -0.48
C LEU C 162 -16.84 0.31 -0.52
N ARG C 163 -18.04 0.65 -0.12
CA ARG C 163 -18.42 2.04 -0.05
C ARG C 163 -19.46 2.24 1.07
N ARG C 164 -19.55 3.47 1.49
CA ARG C 164 -20.45 3.87 2.56
C ARG C 164 -21.90 3.81 2.15
N GLY C 165 -22.69 3.41 3.13
CA GLY C 165 -24.13 3.33 2.97
C GLY C 165 -24.74 4.71 3.10
N LEU C 179 -13.14 0.65 -0.82
CA LEU C 179 -12.66 -0.24 0.24
C LEU C 179 -12.46 0.30 1.64
N ARG C 180 -12.29 -0.64 2.54
CA ARG C 180 -11.98 -0.24 3.91
C ARG C 180 -11.31 -1.30 4.79
N GLU C 181 -10.97 -0.80 5.96
CA GLU C 181 -10.02 -1.55 6.81
C GLU C 181 -10.33 -2.99 7.17
N PHE C 182 -11.58 -3.29 7.43
CA PHE C 182 -11.92 -4.67 7.84
C PHE C 182 -11.58 -5.68 6.75
N ASN C 183 -11.58 -5.20 5.51
CA ASN C 183 -11.29 -6.06 4.37
C ASN C 183 -9.87 -6.53 4.51
N HIS C 184 -9.02 -5.58 4.90
CA HIS C 184 -7.57 -5.82 5.05
C HIS C 184 -7.27 -6.74 6.20
N HIS C 185 -8.02 -6.57 7.27
CA HIS C 185 -7.87 -7.40 8.46
C HIS C 185 -8.26 -8.85 8.23
N LEU C 186 -9.48 -9.01 7.77
CA LEU C 186 -10.14 -10.34 7.64
C LEU C 186 -9.55 -11.19 6.59
N SER C 187 -8.95 -10.52 5.62
N SER C 187 -9.01 -10.52 5.59
CA SER C 187 -8.33 -11.19 4.48
CA SER C 187 -8.40 -11.19 4.47
C SER C 187 -7.10 -11.91 4.97
C SER C 187 -7.06 -11.82 4.89
N ARG C 188 -6.51 -11.31 5.99
CA ARG C 188 -5.24 -11.81 6.59
C ARG C 188 -5.45 -12.73 7.75
N ARG C 189 -6.68 -13.13 7.92
CA ARG C 189 -7.01 -14.04 9.00
C ARG C 189 -7.11 -15.46 8.49
N ARG C 190 -6.07 -16.21 8.79
CA ARG C 190 -5.98 -17.59 8.31
C ARG C 190 -7.10 -18.49 8.87
N ASP C 191 -7.82 -18.02 9.87
CA ASP C 191 -8.90 -18.80 10.50
C ASP C 191 -10.26 -18.62 9.85
N PHE C 192 -10.26 -17.79 8.83
CA PHE C 192 -11.43 -17.48 7.99
C PHE C 192 -11.08 -17.56 6.53
N PHE C 193 -12.07 -17.96 5.76
CA PHE C 193 -11.96 -17.94 4.29
C PHE C 193 -12.86 -16.77 3.91
N THR C 194 -12.31 -15.80 3.22
CA THR C 194 -13.13 -14.65 2.89
CA THR C 194 -13.08 -14.60 2.91
C THR C 194 -13.15 -14.25 1.42
N THR C 195 -14.25 -13.64 1.02
CA THR C 195 -14.41 -13.12 -0.33
C THR C 195 -15.35 -11.89 -0.22
N ILE C 196 -15.18 -10.96 -1.12
CA ILE C 196 -16.01 -9.74 -1.17
C ILE C 196 -16.75 -9.77 -2.51
N VAL C 197 -18.05 -9.79 -2.38
CA VAL C 197 -18.90 -9.80 -3.57
CA VAL C 197 -19.00 -9.82 -3.49
C VAL C 197 -19.38 -8.37 -3.83
N PRO C 198 -19.18 -7.92 -5.06
CA PRO C 198 -19.56 -6.54 -5.43
C PRO C 198 -21.06 -6.27 -5.68
N VAL C 199 -21.88 -6.65 -4.71
CA VAL C 199 -23.33 -6.37 -4.80
CA VAL C 199 -23.32 -6.47 -4.71
C VAL C 199 -23.57 -5.23 -3.86
N GLY C 200 -24.44 -4.32 -4.32
CA GLY C 200 -24.78 -3.12 -3.57
C GLY C 200 -23.54 -2.26 -3.27
N ASN C 201 -23.31 -2.02 -1.98
CA ASN C 201 -22.15 -1.23 -1.52
C ASN C 201 -20.96 -2.14 -1.17
N GLY C 202 -21.07 -3.39 -1.59
CA GLY C 202 -20.02 -4.41 -1.33
C GLY C 202 -20.35 -5.23 -0.10
N VAL C 203 -20.21 -6.53 -0.25
CA VAL C 203 -20.50 -7.47 0.83
C VAL C 203 -19.34 -8.44 1.09
N LEU C 204 -18.79 -8.34 2.29
CA LEU C 204 -17.70 -9.18 2.75
C LEU C 204 -18.32 -10.38 3.41
N LEU C 205 -17.89 -11.56 2.97
CA LEU C 205 -18.35 -12.83 3.48
C LEU C 205 -17.15 -13.58 4.07
N GLY C 206 -17.26 -13.94 5.34
CA GLY C 206 -16.18 -14.64 6.00
C GLY C 206 -16.72 -15.91 6.60
N TYR C 207 -16.17 -17.02 6.16
CA TYR C 207 -16.52 -18.36 6.63
C TYR C 207 -15.49 -18.83 7.60
N ARG C 208 -15.96 -19.12 8.79
CA ARG C 208 -15.09 -19.58 9.89
C ARG C 208 -14.63 -21.02 9.63
N LEU C 209 -13.33 -21.17 9.42
CA LEU C 209 -12.75 -22.49 9.06
C LEU C 209 -12.78 -23.55 10.16
N SER C 210 -13.08 -23.10 11.37
CA SER C 210 -13.16 -23.99 12.54
C SER C 210 -14.44 -23.77 13.36
#